data_6HE6
#
_entry.id   6HE6
#
_cell.length_a   75.870
_cell.length_b   75.870
_cell.length_c   97.928
_cell.angle_alpha   90.00
_cell.angle_beta   90.00
_cell.angle_gamma   90.00
#
_symmetry.space_group_name_H-M   'P 43 21 2'
#
loop_
_entity.id
_entity.type
_entity.pdbx_description
1 polymer 'Cell division protein FtsX'
2 non-polymer DODECANE-TRIMETHYLAMINE
3 water water
#
_entity_poly.entity_id   1
_entity_poly.type   'polypeptide(L)'
_entity_poly.pdbx_seq_one_letter_code
;KLATDIENNVRVVVYIRKDVEDNSQTIEKEGQTVTNNDYHKVYDSLKNMSTVKSVTFSSKEEQYEKLTEIMGDNWKIFEG
DANPLYDAYIVEANAPNDVKTIAEDAKKIEGVSEVQD
;
_entity_poly.pdbx_strand_id   A,B
#
loop_
_chem_comp.id
_chem_comp.type
_chem_comp.name
_chem_comp.formula
CAT non-polymer DODECANE-TRIMETHYLAMINE 'C15 H34 N 1'
#
# COMPACT_ATOMS: atom_id res chain seq x y z
N LYS A 1 -11.08 -9.92 6.13
CA LYS A 1 -10.03 -10.27 5.18
C LYS A 1 -10.29 -9.61 3.84
N LEU A 2 -9.24 -9.03 3.25
CA LEU A 2 -9.35 -8.29 2.01
C LEU A 2 -8.55 -9.00 0.92
N ALA A 3 -8.91 -8.72 -0.34
CA ALA A 3 -8.30 -9.42 -1.47
C ALA A 3 -6.87 -8.97 -1.72
N THR A 4 -6.58 -7.68 -1.56
CA THR A 4 -5.25 -7.15 -1.86
C THR A 4 -4.18 -7.57 -0.85
N ASP A 5 -4.49 -8.41 0.14
CA ASP A 5 -3.54 -8.81 1.18
C ASP A 5 -3.05 -10.22 0.88
N ILE A 6 -1.82 -10.33 0.36
CA ILE A 6 -1.23 -11.58 -0.10
C ILE A 6 0.06 -11.82 0.67
N GLU A 7 0.33 -13.07 1.04
CA GLU A 7 1.52 -13.47 1.82
C GLU A 7 2.77 -13.41 0.95
N ASN A 8 3.92 -13.15 1.54
CA ASN A 8 5.16 -12.88 0.82
C ASN A 8 5.57 -14.08 -0.05
N ASN A 9 5.37 -15.29 0.48
CA ASN A 9 5.94 -16.48 -0.14
C ASN A 9 5.19 -16.90 -1.39
N VAL A 10 4.13 -16.18 -1.74
CA VAL A 10 3.22 -16.62 -2.80
C VAL A 10 2.94 -15.44 -3.72
N ARG A 11 3.59 -14.32 -3.46
CA ARG A 11 3.36 -13.10 -4.23
C ARG A 11 4.36 -13.02 -5.37
N VAL A 12 3.87 -12.70 -6.57
CA VAL A 12 4.71 -12.34 -7.69
C VAL A 12 4.21 -11.02 -8.25
N VAL A 13 5.13 -10.10 -8.51
CA VAL A 13 4.81 -8.77 -9.01
C VAL A 13 5.23 -8.73 -10.47
N VAL A 14 4.30 -8.33 -11.33
CA VAL A 14 4.51 -8.31 -12.76
C VAL A 14 4.41 -6.85 -13.22
N TYR A 15 5.53 -6.29 -13.67
CA TYR A 15 5.58 -4.89 -14.09
C TYR A 15 5.29 -4.77 -15.58
N ILE A 16 4.48 -3.77 -15.93
CA ILE A 16 3.97 -3.61 -17.29
C ILE A 16 4.84 -2.58 -18.00
N ARG A 17 5.12 -2.81 -19.29
CA ARG A 17 5.88 -1.85 -20.08
C ARG A 17 5.21 -0.48 -20.03
N LYS A 18 6.05 0.57 -19.98
CA LYS A 18 5.55 1.92 -19.72
C LYS A 18 4.63 2.44 -20.82
N ASP A 19 4.64 1.82 -21.99
CA ASP A 19 3.82 2.26 -23.11
C ASP A 19 2.59 1.39 -23.34
N VAL A 20 2.31 0.46 -22.43
CA VAL A 20 1.15 -0.42 -22.50
C VAL A 20 0.21 -0.03 -21.36
N GLU A 21 -1.05 0.19 -21.69
CA GLU A 21 -2.06 0.50 -20.69
C GLU A 21 -2.99 -0.71 -20.62
N ASP A 22 -2.57 -1.70 -19.83
CA ASP A 22 -3.32 -2.95 -19.77
C ASP A 22 -4.63 -2.80 -19.01
N ASN A 23 -4.73 -1.81 -18.13
CA ASN A 23 -5.87 -1.63 -17.24
C ASN A 23 -6.84 -0.57 -17.76
N SER A 24 -6.54 0.02 -18.91
CA SER A 24 -7.36 1.09 -19.46
C SER A 24 -8.31 0.51 -20.50
N GLN A 25 -9.62 0.65 -20.24
CA GLN A 25 -10.63 0.13 -21.16
C GLN A 25 -10.75 0.95 -22.42
N THR A 26 -10.57 2.27 -22.32
CA THR A 26 -10.66 3.15 -23.47
C THR A 26 -9.42 4.04 -23.55
N ILE A 27 -9.15 4.51 -24.76
CA ILE A 27 -8.06 5.44 -25.06
C ILE A 27 -8.58 6.50 -26.02
N GLU A 28 -7.77 7.54 -26.25
CA GLU A 28 -8.16 8.63 -27.14
C GLU A 28 -7.64 8.37 -28.55
N LYS A 29 -8.52 8.47 -29.54
CA LYS A 29 -8.11 8.39 -30.94
C LYS A 29 -8.91 9.41 -31.73
N GLU A 30 -8.21 10.25 -32.48
CA GLU A 30 -8.84 11.28 -33.32
C GLU A 30 -9.83 12.14 -32.53
N GLY A 31 -9.50 12.40 -31.27
CA GLY A 31 -10.31 13.23 -30.40
C GLY A 31 -11.49 12.54 -29.76
N GLN A 32 -11.67 11.25 -30.00
CA GLN A 32 -12.78 10.49 -29.45
C GLN A 32 -12.28 9.46 -28.44
N THR A 33 -13.18 8.96 -27.62
CA THR A 33 -12.86 7.94 -26.63
C THR A 33 -13.27 6.59 -27.21
N VAL A 34 -12.28 5.72 -27.48
CA VAL A 34 -12.54 4.48 -28.19
C VAL A 34 -11.94 3.29 -27.45
N THR A 35 -12.31 2.10 -27.92
CA THR A 35 -11.91 0.86 -27.27
C THR A 35 -10.40 0.69 -27.36
N ASN A 36 -9.77 0.42 -26.21
CA ASN A 36 -8.38 -0.02 -26.17
C ASN A 36 -8.34 -1.50 -26.54
N ASN A 37 -7.89 -1.81 -27.75
CA ASN A 37 -7.77 -3.20 -28.17
C ASN A 37 -6.78 -3.99 -27.32
N ASP A 38 -5.85 -3.33 -26.65
CA ASP A 38 -4.87 -4.04 -25.84
C ASP A 38 -5.32 -4.20 -24.40
N TYR A 39 -6.58 -3.94 -24.10
CA TYR A 39 -7.09 -4.00 -22.74
C TYR A 39 -7.01 -5.42 -22.21
N HIS A 40 -6.37 -5.58 -21.05
CA HIS A 40 -6.35 -6.84 -20.31
C HIS A 40 -5.60 -7.95 -21.05
N LYS A 41 -4.82 -7.60 -22.06
CA LYS A 41 -3.97 -8.59 -22.73
C LYS A 41 -3.05 -9.29 -21.74
N VAL A 42 -2.41 -8.51 -20.85
CA VAL A 42 -1.52 -9.10 -19.87
C VAL A 42 -2.30 -9.74 -18.74
N TYR A 43 -3.34 -9.06 -18.25
CA TYR A 43 -4.20 -9.61 -17.21
C TYR A 43 -4.66 -11.02 -17.58
N ASP A 44 -5.18 -11.19 -18.80
CA ASP A 44 -5.80 -12.46 -19.17
C ASP A 44 -4.79 -13.60 -19.22
N SER A 45 -3.58 -13.34 -19.74
CA SER A 45 -2.55 -14.38 -19.81
C SER A 45 -2.14 -14.82 -18.41
N LEU A 46 -2.01 -13.89 -17.48
CA LEU A 46 -1.74 -14.24 -16.09
C LEU A 46 -2.91 -15.04 -15.50
N LYS A 47 -4.13 -14.51 -15.63
CA LYS A 47 -5.33 -15.16 -15.10
C LYS A 47 -5.56 -16.55 -15.69
N ASN A 48 -5.04 -16.81 -16.88
CA ASN A 48 -5.19 -18.12 -17.51
C ASN A 48 -4.24 -19.17 -16.97
N MET A 49 -3.24 -18.79 -16.19
CA MET A 49 -2.31 -19.76 -15.63
C MET A 49 -2.98 -20.56 -14.52
N SER A 50 -2.89 -21.89 -14.63
CA SER A 50 -3.61 -22.75 -13.69
C SER A 50 -3.10 -22.59 -12.25
N THR A 51 -1.86 -22.17 -12.06
CA THR A 51 -1.31 -22.05 -10.72
C THR A 51 -1.48 -20.66 -10.10
N VAL A 52 -2.21 -19.73 -10.74
CA VAL A 52 -2.44 -18.40 -10.13
C VAL A 52 -3.85 -18.32 -9.55
N LYS A 53 -3.97 -17.71 -8.37
CA LYS A 53 -5.26 -17.59 -7.72
C LYS A 53 -5.92 -16.22 -7.94
N SER A 54 -5.14 -15.15 -7.98
CA SER A 54 -5.71 -13.82 -8.19
C SER A 54 -4.66 -12.91 -8.82
N VAL A 55 -5.13 -11.93 -9.59
CA VAL A 55 -4.24 -10.95 -10.21
C VAL A 55 -4.92 -9.58 -10.08
N THR A 56 -4.27 -8.67 -9.38
CA THR A 56 -4.85 -7.40 -8.97
C THR A 56 -3.99 -6.26 -9.50
N PHE A 57 -4.61 -5.34 -10.25
CA PHE A 57 -3.89 -4.18 -10.75
C PHE A 57 -3.42 -3.28 -9.62
N SER A 58 -2.16 -2.82 -9.71
CA SER A 58 -1.59 -1.82 -8.79
C SER A 58 -0.93 -0.73 -9.64
N SER A 59 -1.60 0.41 -9.76
CA SER A 59 -1.08 1.47 -10.61
C SER A 59 0.19 2.10 -10.04
N LYS A 60 0.93 2.77 -10.92
CA LYS A 60 2.11 3.50 -10.48
C LYS A 60 1.75 4.63 -9.50
N GLU A 61 0.63 5.31 -9.75
CA GLU A 61 0.14 6.32 -8.81
C GLU A 61 0.00 5.72 -7.41
N GLU A 62 -0.82 4.67 -7.31
CA GLU A 62 -1.08 4.02 -6.04
C GLU A 62 0.23 3.61 -5.34
N GLN A 63 1.20 3.07 -6.10
CA GLN A 63 2.46 2.64 -5.50
C GLN A 63 3.22 3.81 -4.89
N TYR A 64 3.09 5.01 -5.48
CA TYR A 64 3.80 6.14 -4.93
C TYR A 64 3.10 6.68 -3.68
N GLU A 65 1.77 6.72 -3.69
CA GLU A 65 1.05 7.14 -2.48
C GLU A 65 1.42 6.25 -1.29
N LYS A 66 1.41 4.93 -1.49
CA LYS A 66 1.76 4.04 -0.39
C LYS A 66 3.17 4.27 0.08
N LEU A 67 4.11 4.48 -0.85
CA LEU A 67 5.48 4.78 -0.46
C LEU A 67 5.56 6.04 0.41
N THR A 68 4.84 7.10 0.03
CA THR A 68 4.85 8.30 0.87
C THR A 68 4.18 8.03 2.21
N GLU A 69 3.19 7.15 2.23
CA GLU A 69 2.52 6.78 3.46
C GLU A 69 3.44 6.01 4.41
N ILE A 70 4.25 5.10 3.87
CA ILE A 70 5.10 4.22 4.68
C ILE A 70 6.39 4.94 5.13
N MET A 71 7.12 5.55 4.20
CA MET A 71 8.28 6.37 4.56
C MET A 71 7.79 7.73 5.03
N GLY A 72 8.72 8.65 5.26
CA GLY A 72 8.32 10.01 5.59
C GLY A 72 7.44 10.69 4.55
N ASP A 73 7.28 12.00 4.71
CA ASP A 73 6.54 12.93 3.84
C ASP A 73 6.67 12.66 2.34
N ASN A 74 5.86 13.33 1.52
CA ASN A 74 6.08 13.27 0.07
C ASN A 74 7.51 13.69 -0.30
N TRP A 75 7.92 13.29 -1.51
CA TRP A 75 9.28 13.53 -1.99
C TRP A 75 9.23 14.74 -2.90
N LYS A 76 9.34 15.90 -2.26
CA LYS A 76 8.88 17.16 -2.83
C LYS A 76 9.59 17.50 -4.13
N ILE A 77 10.86 17.11 -4.27
CA ILE A 77 11.60 17.69 -5.40
C ILE A 77 11.11 17.12 -6.72
N PHE A 78 10.43 15.97 -6.71
CA PHE A 78 9.90 15.34 -7.91
C PHE A 78 8.44 15.68 -8.20
N GLU A 79 7.86 16.68 -7.52
CA GLU A 79 6.42 16.86 -7.61
C GLU A 79 5.98 17.36 -8.99
N GLY A 80 6.83 18.07 -9.72
CA GLY A 80 6.38 18.52 -11.03
C GLY A 80 6.51 17.49 -12.14
N ASP A 81 7.17 16.38 -11.89
CA ASP A 81 7.62 15.50 -12.95
C ASP A 81 6.68 14.31 -13.10
N ALA A 82 6.95 13.53 -14.15
CA ALA A 82 6.17 12.33 -14.40
C ALA A 82 6.52 11.29 -13.35
N ASN A 83 5.56 10.39 -13.10
CA ASN A 83 5.79 9.26 -12.20
C ASN A 83 6.68 8.26 -12.93
N PRO A 84 7.89 7.96 -12.43
CA PRO A 84 8.78 7.01 -13.13
C PRO A 84 8.52 5.55 -12.80
N LEU A 85 7.59 5.24 -11.89
CA LEU A 85 7.32 3.86 -11.51
C LEU A 85 6.49 3.16 -12.59
N TYR A 86 6.38 1.84 -12.46
CA TYR A 86 5.71 1.00 -13.45
C TYR A 86 4.40 0.49 -12.87
N ASP A 87 3.31 0.61 -13.64
CA ASP A 87 2.10 -0.16 -13.36
C ASP A 87 2.45 -1.63 -13.20
N ALA A 88 1.69 -2.33 -12.38
CA ALA A 88 2.04 -3.69 -12.02
C ALA A 88 0.79 -4.50 -11.76
N TYR A 89 0.90 -5.83 -11.94
CA TYR A 89 -0.10 -6.76 -11.43
C TYR A 89 0.50 -7.50 -10.24
N ILE A 90 -0.29 -7.64 -9.18
CA ILE A 90 0.11 -8.38 -8.01
C ILE A 90 -0.54 -9.75 -8.13
N VAL A 91 0.27 -10.76 -8.38
CA VAL A 91 -0.22 -12.11 -8.68
C VAL A 91 -0.03 -12.97 -7.44
N GLU A 92 -1.09 -13.70 -7.07
CA GLU A 92 -1.05 -14.64 -5.96
C GLU A 92 -0.99 -16.07 -6.51
N ALA A 93 0.08 -16.80 -6.17
CA ALA A 93 0.24 -18.19 -6.58
C ALA A 93 -0.62 -19.11 -5.71
N ASN A 94 -0.85 -20.33 -6.19
CA ASN A 94 -1.60 -21.29 -5.38
C ASN A 94 -0.75 -21.89 -4.27
N ALA A 95 0.55 -22.04 -4.50
CA ALA A 95 1.48 -22.59 -3.52
C ALA A 95 2.81 -21.89 -3.70
N PRO A 96 3.64 -21.85 -2.66
CA PRO A 96 4.98 -21.26 -2.82
C PRO A 96 5.77 -21.87 -3.97
N ASN A 97 5.67 -23.18 -4.19
CA ASN A 97 6.48 -23.84 -5.21
C ASN A 97 6.10 -23.46 -6.63
N ASP A 98 4.89 -22.93 -6.85
CA ASP A 98 4.46 -22.48 -8.17
C ASP A 98 5.05 -21.13 -8.56
N VAL A 99 5.69 -20.43 -7.63
CA VAL A 99 6.07 -19.03 -7.86
C VAL A 99 7.12 -18.93 -8.95
N LYS A 100 8.15 -19.78 -8.90
CA LYS A 100 9.23 -19.66 -9.87
C LYS A 100 8.75 -19.96 -11.28
N THR A 101 7.83 -20.91 -11.43
CA THR A 101 7.26 -21.17 -12.74
C THR A 101 6.43 -20.00 -13.24
N ILE A 102 5.61 -19.42 -12.36
CA ILE A 102 4.74 -18.30 -12.73
C ILE A 102 5.58 -17.12 -13.20
N ALA A 103 6.62 -16.78 -12.44
CA ALA A 103 7.46 -15.64 -12.79
C ALA A 103 8.15 -15.85 -14.13
N GLU A 104 8.52 -17.09 -14.46
CA GLU A 104 9.22 -17.34 -15.71
C GLU A 104 8.28 -17.21 -16.90
N ASP A 105 7.10 -17.82 -16.81
CA ASP A 105 6.11 -17.65 -17.88
C ASP A 105 5.69 -16.19 -17.99
N ALA A 106 5.65 -15.45 -16.88
CA ALA A 106 5.18 -14.08 -16.92
C ALA A 106 6.12 -13.18 -17.71
N LYS A 107 7.44 -13.40 -17.60
CA LYS A 107 8.35 -12.54 -18.36
C LYS A 107 8.19 -12.75 -19.86
N LYS A 108 7.60 -13.87 -20.27
CA LYS A 108 7.40 -14.18 -21.69
C LYS A 108 6.14 -13.57 -22.28
N ILE A 109 5.29 -12.93 -21.46
CA ILE A 109 4.10 -12.28 -21.97
C ILE A 109 4.50 -10.96 -22.60
N GLU A 110 4.01 -10.68 -23.81
N GLU A 110 3.99 -10.69 -23.81
CA GLU A 110 4.37 -9.41 -24.42
CA GLU A 110 4.19 -9.41 -24.48
C GLU A 110 3.59 -8.29 -23.76
C GLU A 110 3.54 -8.29 -23.68
N GLY A 111 4.30 -7.23 -23.43
CA GLY A 111 3.82 -6.16 -22.58
C GLY A 111 4.44 -6.17 -21.20
N VAL A 112 4.92 -7.32 -20.73
CA VAL A 112 5.57 -7.42 -19.42
C VAL A 112 6.98 -6.84 -19.52
N SER A 113 7.28 -5.85 -18.67
CA SER A 113 8.63 -5.26 -18.66
C SER A 113 9.57 -6.06 -17.78
N GLU A 114 9.13 -6.40 -16.58
CA GLU A 114 9.94 -7.13 -15.62
C GLU A 114 9.02 -7.85 -14.65
N VAL A 115 9.56 -8.86 -13.99
CA VAL A 115 8.82 -9.64 -13.00
C VAL A 115 9.71 -9.83 -11.78
N GLN A 116 9.16 -9.55 -10.60
CA GLN A 116 9.84 -9.72 -9.32
C GLN A 116 9.22 -10.89 -8.57
N ASP A 117 10.06 -11.77 -8.03
CA ASP A 117 9.53 -12.90 -7.28
C ASP A 117 9.85 -12.77 -5.80
N LYS B 1 -15.50 0.92 -4.35
CA LYS B 1 -14.73 1.87 -3.56
C LYS B 1 -14.44 1.30 -2.17
N LEU B 2 -13.19 1.42 -1.72
CA LEU B 2 -12.78 0.87 -0.44
C LEU B 2 -12.55 1.98 0.57
N ALA B 3 -12.54 1.57 1.85
CA ALA B 3 -12.33 2.51 2.94
C ALA B 3 -10.91 3.06 2.97
N THR B 4 -9.95 2.34 2.40
CA THR B 4 -8.56 2.75 2.35
C THR B 4 -8.23 3.63 1.15
N ASP B 5 -9.23 3.99 0.35
CA ASP B 5 -9.04 4.86 -0.81
C ASP B 5 -9.48 6.27 -0.40
N ILE B 6 -8.49 7.13 -0.13
CA ILE B 6 -8.72 8.47 0.38
C ILE B 6 -7.87 9.43 -0.43
N GLU B 7 -8.48 10.52 -0.90
CA GLU B 7 -7.75 11.46 -1.74
C GLU B 7 -6.59 12.06 -0.98
N ASN B 8 -5.51 12.35 -1.71
CA ASN B 8 -4.28 12.82 -1.09
C ASN B 8 -4.46 14.15 -0.36
N ASN B 9 -5.39 15.00 -0.82
CA ASN B 9 -5.50 16.34 -0.27
C ASN B 9 -6.20 16.40 1.08
N VAL B 10 -6.68 15.26 1.61
CA VAL B 10 -7.29 15.23 2.93
C VAL B 10 -6.68 14.13 3.79
N ARG B 11 -5.57 13.55 3.34
CA ARG B 11 -4.89 12.50 4.07
C ARG B 11 -3.88 13.10 5.03
N VAL B 12 -3.96 12.69 6.30
CA VAL B 12 -2.95 12.95 7.32
C VAL B 12 -2.53 11.59 7.85
N VAL B 13 -1.21 11.36 7.98
CA VAL B 13 -0.70 10.10 8.51
C VAL B 13 -0.10 10.32 9.89
N VAL B 14 -0.54 9.54 10.88
CA VAL B 14 -0.17 9.74 12.28
C VAL B 14 0.65 8.54 12.71
N TYR B 15 1.96 8.74 12.93
CA TYR B 15 2.86 7.63 13.23
C TYR B 15 2.98 7.48 14.74
N ILE B 16 2.83 6.24 15.23
CA ILE B 16 2.83 5.97 16.66
C ILE B 16 4.23 5.64 17.16
N ARG B 17 4.50 6.06 18.40
CA ARG B 17 5.78 5.73 19.04
C ARG B 17 5.93 4.22 19.11
N LYS B 18 7.15 3.76 18.84
CA LYS B 18 7.38 2.32 18.72
C LYS B 18 7.04 1.58 20.01
N ASP B 19 7.10 2.26 21.15
CA ASP B 19 6.80 1.64 22.43
C ASP B 19 5.31 1.65 22.76
N VAL B 20 4.45 2.20 21.90
CA VAL B 20 3.02 2.27 22.15
C VAL B 20 2.30 1.28 21.24
N GLU B 21 1.45 0.44 21.83
CA GLU B 21 0.70 -0.55 21.07
C GLU B 21 -0.77 -0.14 21.11
N ASP B 22 -1.12 0.84 20.28
CA ASP B 22 -2.45 1.41 20.31
C ASP B 22 -3.49 0.47 19.73
N ASN B 23 -3.06 -0.51 18.91
CA ASN B 23 -3.98 -1.44 18.27
C ASN B 23 -4.00 -2.82 18.93
N SER B 24 -3.14 -3.07 19.91
CA SER B 24 -3.17 -4.35 20.61
C SER B 24 -4.26 -4.35 21.66
N GLN B 25 -5.28 -5.20 21.45
CA GLN B 25 -6.32 -5.33 22.46
C GLN B 25 -5.78 -5.97 23.73
N THR B 26 -4.79 -6.86 23.60
CA THR B 26 -4.21 -7.56 24.74
C THR B 26 -2.70 -7.56 24.61
N ILE B 27 -2.03 -7.64 25.76
CA ILE B 27 -0.57 -7.71 25.85
C ILE B 27 -0.22 -8.84 26.81
N GLU B 28 1.08 -9.07 27.00
CA GLU B 28 1.54 -10.15 27.85
C GLU B 28 2.08 -9.55 29.14
N LYS B 29 1.58 -10.05 30.28
CA LYS B 29 2.13 -9.68 31.59
C LYS B 29 2.18 -10.93 32.44
N GLU B 30 3.33 -11.18 33.08
CA GLU B 30 3.50 -12.34 33.97
C GLU B 30 3.16 -13.65 33.26
N GLY B 31 3.27 -13.68 31.94
CA GLY B 31 3.05 -14.89 31.20
C GLY B 31 1.62 -15.15 30.75
N GLN B 32 0.69 -14.27 31.12
CA GLN B 32 -0.71 -14.39 30.72
C GLN B 32 -1.06 -13.28 29.74
N THR B 33 -2.16 -13.48 29.02
CA THR B 33 -2.65 -12.48 28.07
C THR B 33 -3.63 -11.58 28.80
N VAL B 34 -3.30 -10.30 28.92
CA VAL B 34 -4.09 -9.38 29.72
C VAL B 34 -4.50 -8.18 28.88
N THR B 35 -5.54 -7.48 29.37
CA THR B 35 -6.06 -6.33 28.65
C THR B 35 -5.03 -5.22 28.58
N ASN B 36 -4.91 -4.61 27.40
CA ASN B 36 -4.06 -3.45 27.21
C ASN B 36 -4.84 -2.19 27.56
N ASN B 37 -4.46 -1.53 28.65
CA ASN B 37 -5.21 -0.36 29.10
C ASN B 37 -5.02 0.84 28.16
N ASP B 38 -3.93 0.87 27.41
CA ASP B 38 -3.65 1.93 26.46
C ASP B 38 -4.24 1.66 25.08
N TYR B 39 -5.14 0.68 24.96
CA TYR B 39 -5.67 0.31 23.65
C TYR B 39 -6.54 1.44 23.12
N HIS B 40 -6.26 1.89 21.90
CA HIS B 40 -7.06 2.89 21.20
C HIS B 40 -7.07 4.26 21.88
N LYS B 41 -6.06 4.57 22.70
CA LYS B 41 -5.97 5.92 23.25
C LYS B 41 -5.69 6.94 22.15
N VAL B 42 -4.80 6.61 21.22
CA VAL B 42 -4.54 7.52 20.11
C VAL B 42 -5.72 7.50 19.12
N TYR B 43 -6.23 6.31 18.80
CA TYR B 43 -7.38 6.24 17.90
C TYR B 43 -8.55 7.07 18.41
N ASP B 44 -8.88 6.95 19.69
CA ASP B 44 -10.06 7.65 20.21
C ASP B 44 -9.89 9.15 20.11
N SER B 45 -8.68 9.66 20.40
CA SER B 45 -8.46 11.10 20.31
C SER B 45 -8.58 11.58 18.86
N LEU B 46 -8.02 10.83 17.91
CA LEU B 46 -8.18 11.21 16.52
C LEU B 46 -9.64 11.16 16.10
N LYS B 47 -10.32 10.06 16.40
CA LYS B 47 -11.72 9.91 16.02
C LYS B 47 -12.64 10.88 16.72
N ASN B 48 -12.18 11.55 17.77
CA ASN B 48 -13.03 12.51 18.45
C ASN B 48 -13.01 13.88 17.78
N MET B 49 -11.99 14.18 16.97
CA MET B 49 -11.95 15.47 16.29
C MET B 49 -13.09 15.58 15.30
N SER B 50 -13.82 16.69 15.37
CA SER B 50 -15.04 16.87 14.56
C SER B 50 -14.74 16.95 13.07
N THR B 51 -13.54 17.36 12.69
CA THR B 51 -13.13 17.49 11.31
C THR B 51 -12.53 16.20 10.74
N VAL B 52 -12.59 15.09 11.49
CA VAL B 52 -11.99 13.82 11.10
C VAL B 52 -13.09 12.88 10.63
N LYS B 53 -12.99 12.38 9.39
CA LYS B 53 -14.02 11.48 8.87
C LYS B 53 -13.76 10.01 9.18
N SER B 54 -12.51 9.55 9.08
CA SER B 54 -12.22 8.15 9.30
C SER B 54 -10.77 8.01 9.74
N VAL B 55 -10.50 6.97 10.52
CA VAL B 55 -9.18 6.70 11.09
C VAL B 55 -8.91 5.21 10.96
N THR B 56 -7.92 4.84 10.16
CA THR B 56 -7.64 3.44 9.84
C THR B 56 -6.22 3.05 10.25
N PHE B 57 -6.10 1.99 11.06
CA PHE B 57 -4.80 1.47 11.48
C PHE B 57 -4.04 0.90 10.30
N SER B 58 -2.74 1.09 10.31
CA SER B 58 -1.85 0.52 9.28
C SER B 58 -0.63 -0.01 10.02
N SER B 59 -0.55 -1.30 10.21
CA SER B 59 0.47 -1.90 11.06
C SER B 59 1.80 -1.88 10.33
N LYS B 60 2.89 -1.65 11.07
CA LYS B 60 4.19 -1.60 10.41
C LYS B 60 4.52 -2.91 9.71
N GLU B 61 4.03 -4.04 10.23
CA GLU B 61 4.23 -5.31 9.52
C GLU B 61 3.53 -5.30 8.16
N GLU B 62 2.32 -4.74 8.08
CA GLU B 62 1.64 -4.57 6.79
C GLU B 62 2.44 -3.65 5.88
N GLN B 63 2.88 -2.52 6.41
CA GLN B 63 3.70 -1.60 5.62
C GLN B 63 4.99 -2.28 5.14
N TYR B 64 5.57 -3.15 5.96
CA TYR B 64 6.85 -3.75 5.56
C TYR B 64 6.65 -4.70 4.39
N GLU B 65 5.57 -5.48 4.41
CA GLU B 65 5.24 -6.31 3.25
C GLU B 65 4.91 -5.45 2.05
N LYS B 66 4.16 -4.35 2.26
CA LYS B 66 3.83 -3.45 1.16
C LYS B 66 5.09 -2.82 0.58
N LEU B 67 5.97 -2.32 1.46
CA LEU B 67 7.30 -1.90 1.05
C LEU B 67 8.03 -2.99 0.28
N THR B 68 8.09 -4.20 0.86
CA THR B 68 8.74 -5.32 0.18
C THR B 68 8.11 -5.58 -1.19
N GLU B 69 6.79 -5.47 -1.28
CA GLU B 69 6.10 -5.76 -2.53
C GLU B 69 6.35 -4.67 -3.57
N ILE B 70 6.60 -3.44 -3.12
CA ILE B 70 7.04 -2.36 -4.00
C ILE B 70 8.55 -2.52 -4.12
N MET B 71 9.03 -2.97 -5.29
CA MET B 71 10.46 -2.94 -5.65
C MET B 71 11.35 -3.99 -4.96
N GLY B 72 10.98 -5.26 -5.10
CA GLY B 72 11.91 -6.32 -4.73
C GLY B 72 12.05 -6.62 -3.26
N ASP B 73 11.89 -7.88 -2.88
CA ASP B 73 12.48 -8.35 -1.62
C ASP B 73 13.94 -8.76 -1.81
N ASN B 74 14.50 -8.42 -2.98
CA ASN B 74 15.92 -8.26 -3.19
C ASN B 74 16.53 -6.92 -2.81
N TRP B 75 15.68 -5.99 -2.46
CA TRP B 75 16.20 -4.73 -1.90
C TRP B 75 16.18 -4.98 -0.40
N LYS B 76 16.80 -6.08 -0.07
CA LYS B 76 16.77 -6.76 1.24
C LYS B 76 18.18 -7.04 1.75
N ILE B 77 19.00 -6.03 1.90
CA ILE B 77 20.19 -6.45 2.65
C ILE B 77 19.72 -6.61 4.10
N PHE B 78 18.46 -6.28 4.42
CA PHE B 78 17.94 -6.30 5.82
C PHE B 78 16.91 -7.41 6.03
N GLU B 79 17.16 -8.60 5.51
CA GLU B 79 16.21 -9.72 5.64
C GLU B 79 15.81 -9.95 7.10
N GLY B 80 16.76 -10.15 8.00
CA GLY B 80 16.30 -10.49 9.35
C GLY B 80 16.48 -9.39 10.37
N ASP B 81 16.63 -8.15 9.94
CA ASP B 81 16.80 -7.07 10.93
C ASP B 81 15.43 -6.62 11.44
N ALA B 82 15.40 -5.90 12.55
CA ALA B 82 14.14 -5.39 13.05
C ALA B 82 13.46 -4.52 12.01
N ASN B 83 12.14 -4.55 12.01
CA ASN B 83 11.33 -3.71 11.16
C ASN B 83 11.50 -2.26 11.60
N PRO B 84 12.08 -1.37 10.78
CA PRO B 84 12.29 0.01 11.21
C PRO B 84 11.06 0.90 11.07
N LEU B 85 9.94 0.36 10.60
CA LEU B 85 8.79 1.21 10.32
C LEU B 85 7.96 1.46 11.57
N TYR B 86 6.99 2.34 11.41
CA TYR B 86 6.12 2.80 12.49
C TYR B 86 4.71 2.36 12.20
N ASP B 87 4.01 1.81 13.19
CA ASP B 87 2.56 1.70 13.06
C ASP B 87 2.00 3.11 12.86
N ALA B 88 0.92 3.22 12.08
CA ALA B 88 0.37 4.53 11.76
C ALA B 88 -1.15 4.45 11.70
N TYR B 89 -1.79 5.59 11.96
CA TYR B 89 -3.20 5.80 11.62
C TYR B 89 -3.28 6.66 10.36
N ILE B 90 -4.07 6.22 9.40
CA ILE B 90 -4.34 7.03 8.21
C ILE B 90 -5.62 7.80 8.47
N VAL B 91 -5.53 9.13 8.51
CA VAL B 91 -6.64 9.97 8.91
C VAL B 91 -7.16 10.72 7.71
N GLU B 92 -8.47 10.74 7.55
CA GLU B 92 -9.13 11.42 6.44
C GLU B 92 -9.86 12.65 6.97
N ALA B 93 -9.49 13.82 6.48
CA ALA B 93 -10.11 15.08 6.85
C ALA B 93 -11.41 15.29 6.09
N ASN B 94 -12.29 16.11 6.67
CA ASN B 94 -13.52 16.49 5.98
C ASN B 94 -13.25 17.40 4.80
N ALA B 95 -12.16 18.16 4.86
CA ALA B 95 -11.82 19.11 3.80
C ALA B 95 -10.33 19.37 3.85
N PRO B 96 -9.72 19.72 2.72
CA PRO B 96 -8.29 20.07 2.75
C PRO B 96 -7.98 21.17 3.75
N ASN B 97 -8.91 22.12 3.96
CA ASN B 97 -8.67 23.21 4.90
C ASN B 97 -8.53 22.72 6.34
N ASP B 98 -9.06 21.55 6.68
CA ASP B 98 -8.94 21.06 8.05
C ASP B 98 -7.62 20.38 8.31
N VAL B 99 -6.84 20.10 7.28
CA VAL B 99 -5.73 19.16 7.41
C VAL B 99 -4.66 19.74 8.34
N LYS B 100 -4.26 20.99 8.10
CA LYS B 100 -3.19 21.55 8.91
C LYS B 100 -3.56 21.63 10.39
N THR B 101 -4.85 21.80 10.70
CA THR B 101 -5.29 21.79 12.09
C THR B 101 -5.23 20.39 12.70
N ILE B 102 -5.71 19.39 11.96
CA ILE B 102 -5.69 18.03 12.47
C ILE B 102 -4.26 17.61 12.79
N ALA B 103 -3.33 17.91 11.87
CA ALA B 103 -1.94 17.48 12.04
C ALA B 103 -1.30 18.13 13.27
N GLU B 104 -1.59 19.42 13.49
CA GLU B 104 -1.08 20.09 14.69
C GLU B 104 -1.64 19.46 15.95
N ASP B 105 -2.95 19.19 15.95
CA ASP B 105 -3.56 18.57 17.12
C ASP B 105 -3.04 17.16 17.33
N ALA B 106 -2.87 16.41 16.24
CA ALA B 106 -2.43 15.03 16.36
C ALA B 106 -1.05 14.94 16.98
N LYS B 107 -0.18 15.89 16.65
CA LYS B 107 1.16 15.89 17.23
C LYS B 107 1.12 16.06 18.75
N LYS B 108 0.07 16.68 19.28
CA LYS B 108 -0.10 16.91 20.70
C LYS B 108 -0.71 15.72 21.44
N ILE B 109 -0.97 14.61 20.76
CA ILE B 109 -1.49 13.40 21.42
C ILE B 109 -0.32 12.60 21.96
N GLU B 110 -0.36 12.24 23.24
N GLU B 110 -0.39 12.23 23.24
CA GLU B 110 0.73 11.42 23.75
CA GLU B 110 0.62 11.36 23.81
C GLU B 110 0.62 10.02 23.16
C GLU B 110 0.59 10.00 23.13
N GLY B 111 1.78 9.48 22.79
CA GLY B 111 1.87 8.29 22.01
C GLY B 111 2.20 8.56 20.55
N VAL B 112 2.00 9.78 20.08
CA VAL B 112 2.20 10.09 18.67
C VAL B 112 3.63 10.54 18.47
N SER B 113 4.35 9.86 17.57
CA SER B 113 5.76 10.16 17.33
C SER B 113 5.92 11.31 16.34
N GLU B 114 5.22 11.22 15.21
CA GLU B 114 5.36 12.22 14.15
C GLU B 114 4.06 12.21 13.35
N VAL B 115 3.84 13.27 12.59
CA VAL B 115 2.65 13.42 11.75
C VAL B 115 3.07 13.98 10.40
N GLN B 116 2.51 13.42 9.33
CA GLN B 116 2.68 13.95 7.98
C GLN B 116 1.36 14.50 7.46
N ASP B 117 1.40 15.70 6.87
CA ASP B 117 0.19 16.33 6.36
C ASP B 117 0.22 16.61 4.85
C1 CAT C . 5.75 12.16 -9.12
C2 CAT C . 6.54 11.64 -7.90
C3 CAT C . 7.40 10.42 -8.29
C4 CAT C . 8.63 10.25 -7.37
C5 CAT C . 9.37 8.95 -7.74
C6 CAT C . 10.76 8.82 -7.11
C7 CAT C . 11.79 8.62 -8.22
C8 CAT C . 13.06 7.86 -7.81
C9 CAT C . 13.51 7.04 -9.01
C10 CAT C . 14.96 6.58 -8.88
C11 CAT C . 15.07 5.15 -9.42
C12 CAT C . 16.21 5.06 -10.44
CA1 CAT C . 3.59 12.68 -10.04
CB1 CAT C . 3.82 11.06 -8.33
CC1 CAT C . 4.13 13.38 -7.87
NE1 CAT C . 4.33 12.32 -8.83
#